data_4RM7
#
_entry.id   4RM7
#
_cell.length_a   137.056
_cell.length_b   137.056
_cell.length_c   130.272
_cell.angle_alpha   90.00
_cell.angle_beta   90.00
_cell.angle_gamma   90.00
#
_symmetry.space_group_name_H-M   'I 41 2 2'
#
loop_
_entity.id
_entity.type
_entity.pdbx_description
1 polymer 'Acyl-CoA dehydrogenase'
2 water water
#
_entity_poly.entity_id   1
_entity_poly.type   'polypeptide(L)'
_entity_poly.pdbx_seq_one_letter_code
;SNA(MSE)YDGLSRDEQRLLNHVREYGEKYFTPASISKWRKDQGLPDEVVKAFVDLDFNGFGVIHRRNHRTYDLFAQVLV
IEELSRISGACLPFQNDLLQLQILEAFASSAQTSPFRTEYQDTGRLSYALAISEPEAGSDTRS(MSE)RTHVTREGDTLV
(MSE)NGTK(MSE)FVNNGEYAPALLVSAYDKTGDDGEPEFSFW(MSE)VPRSAAGIYAYPEQKIGQS(MSE)LPFATVR
FDNVEVKESWRLKGSSKGFSQLYSLLEYGRVFTCAAALGEAQAA(MSE)EDAVAWARGREAFGQRIADLQQVQ(MSE)KL
TE(MSE)EVKLTN(MSE)RNLVYGAAREYDRGEHKRLSVAL(MSE)KYYVPKAATEVASDA(MSE)QILGGRGYIQENRV
SSIWQDCRGYQFADGTDEV(MSE)VVIAAPLILEQYKASKNNR
;
_entity_poly.pdbx_strand_id   A
#
# COMPACT_ATOMS: atom_id res chain seq x y z
N ASN A 2 4.69 13.68 19.54
CA ASN A 2 4.97 12.49 20.34
C ASN A 2 3.90 11.41 20.24
N ALA A 3 4.27 10.26 19.68
CA ALA A 3 3.40 9.10 19.56
C ALA A 3 4.20 7.84 19.45
N TYR A 5 5.34 3.95 21.86
CA TYR A 5 4.66 2.85 22.56
C TYR A 5 3.83 3.36 23.71
N ASP A 6 4.45 3.90 24.73
CA ASP A 6 3.65 4.60 25.72
C ASP A 6 2.81 5.61 24.96
N GLY A 7 1.49 5.62 25.18
CA GLY A 7 0.61 6.50 24.44
C GLY A 7 -0.38 5.74 23.59
N LEU A 8 -0.04 4.51 23.25
CA LEU A 8 -0.98 3.54 22.71
C LEU A 8 -1.76 2.91 23.86
N SER A 9 -2.98 2.48 23.59
CA SER A 9 -3.77 1.76 24.56
C SER A 9 -3.17 0.37 24.77
N ARG A 10 -3.58 -0.33 25.84
CA ARG A 10 -3.18 -1.73 26.02
C ARG A 10 -3.56 -2.59 24.82
N ASP A 11 -4.78 -2.38 24.32
CA ASP A 11 -5.29 -3.15 23.18
C ASP A 11 -4.39 -2.95 21.96
N GLU A 12 -4.09 -1.69 21.65
CA GLU A 12 -3.17 -1.36 20.56
C GLU A 12 -1.79 -1.99 20.78
N GLN A 13 -1.29 -1.96 22.01
CA GLN A 13 0.00 -2.55 22.29
C GLN A 13 0.00 -4.06 22.12
N ARG A 14 -1.10 -4.72 22.51
CA ARG A 14 -1.17 -6.17 22.36
C ARG A 14 -1.15 -6.56 20.87
N LEU A 15 -1.87 -5.77 20.07
CA LEU A 15 -1.89 -5.95 18.61
C LEU A 15 -0.47 -5.95 18.07
N LEU A 16 0.30 -4.94 18.47
CA LEU A 16 1.70 -4.86 18.09
C LEU A 16 2.47 -6.08 18.49
N ASN A 17 2.22 -6.57 19.70
CA ASN A 17 2.92 -7.75 20.19
C ASN A 17 2.65 -8.93 19.28
N HIS A 18 1.38 -9.10 18.91
N HIS A 18 1.38 -9.10 18.91
CA HIS A 18 0.97 -10.20 18.05
CA HIS A 18 0.97 -10.20 18.05
C HIS A 18 1.61 -10.09 16.67
C HIS A 18 1.63 -10.08 16.67
N VAL A 19 1.61 -8.89 16.11
CA VAL A 19 2.20 -8.66 14.79
C VAL A 19 3.72 -8.85 14.84
N ARG A 20 4.35 -8.35 15.89
CA ARG A 20 5.81 -8.47 16.06
C ARG A 20 6.26 -9.93 16.25
N GLU A 21 5.43 -10.73 16.89
CA GLU A 21 5.77 -12.14 17.08
C GLU A 21 5.64 -12.87 15.72
N TYR A 22 4.63 -12.51 14.94
CA TYR A 22 4.50 -13.06 13.59
C TYR A 22 5.64 -12.64 12.67
N GLY A 23 6.00 -11.36 12.69
CA GLY A 23 7.02 -10.86 11.81
C GLY A 23 8.39 -11.43 12.08
N GLU A 24 8.72 -11.50 13.35
CA GLU A 24 10.01 -12.01 13.78
C GLU A 24 10.15 -13.45 13.41
N LYS A 25 9.05 -14.19 13.52
CA LYS A 25 9.04 -15.59 13.17
C LYS A 25 9.30 -15.89 11.72
N TYR A 26 8.68 -15.14 10.82
CA TYR A 26 8.84 -15.42 9.40
C TYR A 26 9.85 -14.56 8.67
N PHE A 27 9.91 -13.29 9.01
CA PHE A 27 10.73 -12.37 8.24
C PHE A 27 12.16 -12.29 8.70
N THR A 28 12.87 -13.38 8.49
CA THR A 28 14.30 -13.44 8.71
C THR A 28 15.03 -12.84 7.54
N PRO A 29 16.34 -12.40 7.80
CA PRO A 29 17.01 -11.85 6.62
C PRO A 29 17.12 -12.89 5.53
N ALA A 30 17.41 -14.12 5.89
CA ALA A 30 17.56 -15.16 4.87
C ALA A 30 16.26 -15.43 4.13
N SER A 31 15.15 -15.48 4.85
CA SER A 31 13.85 -15.64 4.22
C SER A 31 13.52 -14.47 3.31
N ILE A 32 13.71 -13.24 3.80
CA ILE A 32 13.35 -12.06 3.01
C ILE A 32 14.18 -11.98 1.74
N SER A 33 15.46 -12.26 1.87
CA SER A 33 16.33 -12.26 0.70
C SER A 33 15.81 -13.19 -0.39
N LYS A 34 15.37 -14.38 0.00
CA LYS A 34 14.85 -15.33 -0.95
C LYS A 34 13.54 -14.85 -1.53
N TRP A 35 12.70 -14.26 -0.69
CA TRP A 35 11.35 -13.90 -1.12
C TRP A 35 11.42 -12.69 -2.06
N ARG A 36 12.40 -11.81 -1.84
CA ARG A 36 12.69 -10.72 -2.77
C ARG A 36 13.02 -11.31 -4.13
N LYS A 37 13.79 -12.39 -4.12
CA LYS A 37 14.20 -13.08 -5.33
C LYS A 37 13.02 -13.79 -6.02
N ASP A 38 12.09 -14.31 -5.23
CA ASP A 38 10.94 -15.01 -5.79
C ASP A 38 9.80 -14.03 -6.13
N GLN A 39 9.99 -12.77 -5.72
CA GLN A 39 8.98 -11.74 -5.90
C GLN A 39 7.64 -12.19 -5.37
N GLY A 40 7.63 -12.62 -4.12
CA GLY A 40 6.40 -13.10 -3.52
C GLY A 40 6.64 -13.94 -2.28
N LEU A 41 5.61 -14.03 -1.44
CA LEU A 41 5.71 -14.73 -0.17
C LEU A 41 5.06 -16.12 -0.28
N PRO A 42 5.59 -17.08 0.50
CA PRO A 42 5.05 -18.45 0.48
C PRO A 42 3.64 -18.52 1.02
N ASP A 43 2.87 -19.51 0.60
CA ASP A 43 1.49 -19.70 1.02
C ASP A 43 1.37 -19.69 2.54
N GLU A 44 2.31 -20.33 3.21
CA GLU A 44 2.27 -20.46 4.66
C GLU A 44 2.34 -19.11 5.36
N VAL A 45 3.19 -18.23 4.84
CA VAL A 45 3.41 -16.93 5.44
C VAL A 45 2.19 -16.04 5.25
N VAL A 46 1.70 -16.01 4.02
CA VAL A 46 0.49 -15.22 3.73
C VAL A 46 -0.74 -15.75 4.43
N LYS A 47 -0.87 -17.07 4.53
CA LYS A 47 -2.01 -17.58 5.26
C LYS A 47 -1.90 -17.24 6.74
N ALA A 48 -0.69 -17.28 7.28
CA ALA A 48 -0.50 -17.00 8.71
C ALA A 48 -0.90 -15.56 9.03
N PHE A 49 -0.75 -14.67 8.04
CA PHE A 49 -1.11 -13.27 8.25
C PHE A 49 -2.61 -13.10 8.44
N VAL A 50 -3.42 -13.77 7.61
CA VAL A 50 -4.87 -13.58 7.77
C VAL A 50 -5.39 -14.40 8.93
N ASP A 51 -4.56 -15.29 9.45
CA ASP A 51 -4.93 -16.10 10.61
C ASP A 51 -4.52 -15.42 11.88
N LEU A 52 -3.93 -14.25 11.76
CA LEU A 52 -3.37 -13.55 12.90
C LEU A 52 -4.44 -13.13 13.89
N ASP A 53 -4.07 -13.10 15.15
CA ASP A 53 -4.99 -12.59 16.15
C ASP A 53 -4.77 -11.10 16.21
N PHE A 54 -5.75 -10.36 15.73
CA PHE A 54 -5.62 -8.93 15.59
C PHE A 54 -6.19 -8.23 16.80
N ASN A 55 -6.50 -9.01 17.83
CA ASN A 55 -6.96 -8.46 19.09
C ASN A 55 -8.23 -7.67 18.94
N GLY A 56 -9.08 -8.15 18.04
CA GLY A 56 -10.43 -7.64 17.92
C GLY A 56 -10.53 -6.39 17.10
N PHE A 57 -9.42 -5.91 16.60
CA PHE A 57 -9.44 -4.78 15.70
C PHE A 57 -9.94 -5.21 14.34
N GLY A 58 -10.54 -4.29 13.62
CA GLY A 58 -10.97 -4.54 12.26
C GLY A 58 -9.83 -4.29 11.28
N VAL A 59 -8.94 -5.28 11.13
CA VAL A 59 -7.80 -5.14 10.22
C VAL A 59 -8.07 -5.74 8.84
N ILE A 60 -8.58 -6.96 8.80
CA ILE A 60 -9.03 -7.54 7.53
C ILE A 60 -10.56 -7.70 7.49
N HIS A 61 -11.26 -7.16 8.48
CA HIS A 61 -12.72 -7.18 8.50
C HIS A 61 -13.22 -5.89 9.14
N ARG A 62 -14.48 -5.53 8.93
CA ARG A 62 -15.01 -4.30 9.52
C ARG A 62 -15.63 -4.60 10.88
N ARG A 63 -14.81 -4.52 11.92
CA ARG A 63 -15.26 -4.74 13.28
C ARG A 63 -16.57 -4.05 13.62
N ASN A 64 -16.64 -2.74 13.34
CA ASN A 64 -17.84 -1.97 13.68
C ASN A 64 -18.98 -2.13 12.68
N HIS A 65 -18.76 -2.98 11.67
CA HIS A 65 -19.70 -3.27 10.58
C HIS A 65 -19.82 -2.14 9.56
N ARG A 66 -19.08 -1.05 9.74
CA ARG A 66 -19.12 0.07 8.80
C ARG A 66 -17.76 0.28 8.13
N THR A 67 -16.73 0.49 8.94
CA THR A 67 -15.40 0.74 8.42
C THR A 67 -14.35 -0.17 9.05
N TYR A 68 -13.18 -0.24 8.42
CA TYR A 68 -12.03 -0.86 9.05
C TYR A 68 -11.48 0.06 10.16
N ASP A 69 -10.58 -0.47 10.97
CA ASP A 69 -9.90 0.33 11.98
C ASP A 69 -8.54 0.75 11.44
N LEU A 70 -8.49 1.95 10.87
CA LEU A 70 -7.33 2.40 10.09
C LEU A 70 -6.03 2.56 10.92
N PHE A 71 -6.11 3.13 12.11
CA PHE A 71 -4.94 3.24 12.96
C PHE A 71 -4.36 1.86 13.24
N ALA A 72 -5.24 0.88 13.51
CA ALA A 72 -4.79 -0.49 13.73
C ALA A 72 -4.06 -1.04 12.50
N GLN A 73 -4.67 -0.86 11.34
CA GLN A 73 -4.07 -1.26 10.09
C GLN A 73 -2.68 -0.65 9.89
N VAL A 74 -2.57 0.62 10.25
CA VAL A 74 -1.32 1.34 10.17
C VAL A 74 -0.24 0.76 11.08
N LEU A 75 -0.62 0.42 12.30
CA LEU A 75 0.33 -0.21 13.21
C LEU A 75 0.78 -1.56 12.64
N VAL A 76 -0.14 -2.30 12.01
CA VAL A 76 0.22 -3.61 11.44
C VAL A 76 1.21 -3.41 10.31
N ILE A 77 0.87 -2.52 9.37
CA ILE A 77 1.75 -2.28 8.22
C ILE A 77 3.09 -1.66 8.59
N GLU A 78 3.10 -0.69 9.51
CA GLU A 78 4.36 -0.08 9.92
C GLU A 78 5.27 -1.13 10.60
N GLU A 79 4.71 -2.00 11.42
CA GLU A 79 5.52 -2.98 12.13
C GLU A 79 6.08 -4.07 11.21
N LEU A 80 5.30 -4.54 10.24
CA LEU A 80 5.77 -5.59 9.35
C LEU A 80 6.85 -5.03 8.43
N SER A 81 6.68 -3.78 8.02
CA SER A 81 7.66 -3.11 7.16
C SER A 81 8.93 -2.85 7.93
N ARG A 82 8.79 -2.63 9.24
CA ARG A 82 9.95 -2.37 10.09
C ARG A 82 10.78 -3.63 10.27
N ILE A 83 10.11 -4.72 10.66
CA ILE A 83 10.78 -6.00 10.86
C ILE A 83 11.38 -6.50 9.56
N SER A 84 10.65 -6.38 8.46
CA SER A 84 11.12 -6.96 7.20
C SER A 84 12.14 -6.10 6.47
N GLY A 85 12.05 -4.78 6.63
CA GLY A 85 12.87 -3.86 5.86
C GLY A 85 12.48 -3.94 4.39
N ALA A 86 11.22 -4.27 4.14
CA ALA A 86 10.82 -4.53 2.78
C ALA A 86 9.42 -4.02 2.50
N CYS A 87 9.11 -3.91 1.22
CA CYS A 87 7.77 -3.62 0.76
C CYS A 87 6.98 -4.91 0.69
N LEU A 88 5.96 -5.05 1.52
CA LEU A 88 5.20 -6.30 1.62
C LEU A 88 3.85 -6.18 0.91
N PRO A 89 3.25 -7.31 0.50
CA PRO A 89 2.00 -7.29 -0.28
C PRO A 89 0.77 -6.94 0.53
N PHE A 90 0.90 -6.97 1.85
CA PHE A 90 -0.26 -6.88 2.74
C PHE A 90 -1.07 -5.64 2.54
N GLN A 91 -0.42 -4.47 2.50
CA GLN A 91 -1.18 -3.22 2.36
C GLN A 91 -1.94 -3.19 1.02
N ASN A 92 -1.35 -3.73 -0.04
N ASN A 92 -1.33 -3.72 -0.01
CA ASN A 92 -2.04 -3.75 -1.33
CA ASN A 92 -1.98 -3.82 -1.31
C ASN A 92 -3.26 -4.67 -1.30
C ASN A 92 -3.27 -4.62 -1.22
N ASP A 93 -3.19 -5.78 -0.59
CA ASP A 93 -4.39 -6.63 -0.39
C ASP A 93 -5.48 -5.91 0.40
N LEU A 94 -5.11 -5.22 1.48
CA LEU A 94 -6.11 -4.57 2.32
C LEU A 94 -6.89 -3.54 1.52
N LEU A 95 -6.21 -2.81 0.65
CA LEU A 95 -6.88 -1.78 -0.12
C LEU A 95 -7.78 -2.39 -1.19
N GLN A 96 -7.29 -3.47 -1.80
CA GLN A 96 -8.00 -4.13 -2.89
C GLN A 96 -9.27 -4.77 -2.37
N LEU A 97 -9.19 -5.24 -1.14
CA LEU A 97 -10.31 -5.85 -0.46
C LEU A 97 -11.37 -4.80 -0.22
N GLN A 98 -10.93 -3.69 0.33
CA GLN A 98 -11.81 -2.59 0.68
C GLN A 98 -12.53 -2.04 -0.56
N ILE A 99 -11.75 -1.80 -1.61
CA ILE A 99 -12.27 -1.31 -2.89
C ILE A 99 -13.29 -2.28 -3.52
N LEU A 100 -12.98 -3.57 -3.48
CA LEU A 100 -13.94 -4.55 -3.97
C LEU A 100 -15.26 -4.50 -3.21
N GLU A 101 -15.20 -4.46 -1.87
CA GLU A 101 -16.41 -4.42 -1.06
C GLU A 101 -17.26 -3.21 -1.38
N ALA A 102 -16.61 -2.06 -1.55
CA ALA A 102 -17.29 -0.80 -1.82
C ALA A 102 -18.11 -0.83 -3.11
N PHE A 103 -17.59 -1.48 -4.16
CA PHE A 103 -18.23 -1.35 -5.48
C PHE A 103 -19.04 -2.55 -5.94
N ALA A 104 -18.97 -3.64 -5.17
CA ALA A 104 -19.67 -4.87 -5.58
C ALA A 104 -20.62 -5.35 -4.50
N SER A 105 -21.68 -6.04 -4.92
CA SER A 105 -22.66 -6.62 -4.01
C SER A 105 -22.02 -7.66 -3.12
N SER A 106 -22.70 -7.98 -2.02
CA SER A 106 -22.21 -8.97 -1.09
C SER A 106 -22.02 -10.31 -1.79
N ALA A 107 -22.98 -10.68 -2.62
CA ALA A 107 -22.89 -11.93 -3.37
C ALA A 107 -21.67 -11.92 -4.30
N GLN A 108 -21.37 -10.77 -4.90
CA GLN A 108 -20.21 -10.66 -5.78
C GLN A 108 -18.88 -10.76 -5.03
N THR A 109 -18.83 -10.24 -3.80
CA THR A 109 -17.58 -10.18 -3.07
C THR A 109 -17.35 -11.40 -2.18
N SER A 110 -18.44 -12.07 -1.80
CA SER A 110 -18.35 -13.23 -0.92
C SER A 110 -17.31 -14.26 -1.37
N PRO A 111 -17.33 -14.68 -2.65
CA PRO A 111 -16.31 -15.67 -3.03
C PRO A 111 -14.89 -15.18 -2.82
N PHE A 112 -14.62 -13.93 -3.14
CA PHE A 112 -13.28 -13.37 -3.03
C PHE A 112 -12.84 -13.19 -1.59
N ARG A 113 -13.75 -12.77 -0.72
CA ARG A 113 -13.40 -12.61 0.69
C ARG A 113 -13.05 -13.97 1.26
N THR A 114 -13.87 -14.96 0.93
CA THR A 114 -13.71 -16.30 1.45
C THR A 114 -12.37 -16.88 1.04
N GLU A 115 -12.00 -16.67 -0.21
CA GLU A 115 -10.73 -17.16 -0.69
C GLU A 115 -9.57 -16.50 0.07
N TYR A 116 -9.72 -15.21 0.35
CA TYR A 116 -8.69 -14.46 1.05
C TYR A 116 -8.52 -14.96 2.48
N GLN A 117 -9.64 -15.27 3.14
CA GLN A 117 -9.59 -15.75 4.52
C GLN A 117 -9.08 -17.18 4.60
N ASP A 118 -9.31 -17.95 3.55
CA ASP A 118 -8.88 -19.33 3.54
C ASP A 118 -7.46 -19.52 3.03
N THR A 119 -6.93 -18.56 2.27
CA THR A 119 -5.58 -18.73 1.72
C THR A 119 -4.63 -17.55 1.97
N GLY A 120 -5.18 -16.38 2.27
CA GLY A 120 -4.36 -15.21 2.47
C GLY A 120 -3.97 -14.54 1.18
N ARG A 121 -4.61 -14.95 0.10
CA ARG A 121 -4.35 -14.38 -1.23
C ARG A 121 -5.64 -13.95 -1.89
N LEU A 122 -5.53 -13.04 -2.84
CA LEU A 122 -6.67 -12.54 -3.58
C LEU A 122 -6.53 -13.01 -5.01
N SER A 123 -7.64 -13.39 -5.62
CA SER A 123 -7.62 -13.97 -6.94
C SER A 123 -7.75 -12.91 -8.02
N TYR A 124 -7.74 -11.64 -7.66
CA TYR A 124 -7.89 -10.58 -8.64
C TYR A 124 -6.85 -9.49 -8.48
N ALA A 125 -6.63 -8.74 -9.55
CA ALA A 125 -5.72 -7.61 -9.52
C ALA A 125 -6.41 -6.35 -9.99
N LEU A 126 -6.17 -5.25 -9.29
CA LEU A 126 -6.82 -3.98 -9.53
C LEU A 126 -6.19 -3.24 -10.69
N ALA A 127 -6.97 -2.87 -11.70
CA ALA A 127 -6.40 -2.16 -12.84
C ALA A 127 -7.09 -0.83 -13.10
N ILE A 128 -6.47 0.26 -12.66
CA ILE A 128 -7.11 1.57 -12.69
C ILE A 128 -6.31 2.67 -13.42
N SER A 129 -5.04 2.82 -13.07
CA SER A 129 -4.22 3.91 -13.64
C SER A 129 -4.08 3.85 -15.16
N GLU A 130 -4.11 5.00 -15.82
CA GLU A 130 -3.88 5.08 -17.26
C GLU A 130 -2.75 6.05 -17.57
N PRO A 131 -2.01 5.79 -18.67
CA PRO A 131 -0.85 6.60 -19.06
C PRO A 131 -1.15 8.09 -19.28
N GLU A 132 -2.35 8.40 -19.78
CA GLU A 132 -2.66 9.75 -20.27
C GLU A 132 -1.69 10.16 -21.36
N ARG A 141 -9.32 6.90 -20.22
CA ARG A 141 -9.67 6.61 -21.60
C ARG A 141 -10.05 5.14 -21.89
N THR A 142 -10.20 4.32 -20.85
CA THR A 142 -10.63 2.92 -21.04
C THR A 142 -12.14 2.83 -21.12
N HIS A 143 -12.65 2.34 -22.25
CA HIS A 143 -14.08 2.34 -22.54
C HIS A 143 -14.67 0.93 -22.63
N VAL A 144 -15.97 0.83 -22.43
CA VAL A 144 -16.71 -0.34 -22.84
C VAL A 144 -17.78 0.13 -23.80
N THR A 145 -17.86 -0.51 -24.95
CA THR A 145 -18.80 -0.09 -25.96
C THR A 145 -19.50 -1.30 -26.52
N ARG A 146 -20.66 -1.06 -27.13
CA ARG A 146 -21.41 -2.13 -27.77
C ARG A 146 -21.08 -2.13 -29.24
N GLU A 147 -20.88 -3.31 -29.80
CA GLU A 147 -20.62 -3.38 -31.23
C GLU A 147 -21.92 -3.70 -31.94
N GLY A 148 -22.41 -4.90 -31.71
CA GLY A 148 -23.74 -5.24 -32.14
C GLY A 148 -24.46 -5.86 -30.97
N ASP A 149 -24.21 -7.14 -30.80
CA ASP A 149 -24.81 -7.93 -29.75
C ASP A 149 -23.81 -8.16 -28.64
N THR A 150 -22.72 -7.40 -28.69
CA THR A 150 -21.60 -7.64 -27.79
C THR A 150 -21.15 -6.37 -27.09
N LEU A 151 -20.52 -6.56 -25.95
CA LEU A 151 -19.90 -5.48 -25.19
C LEU A 151 -18.39 -5.64 -25.32
N VAL A 152 -17.72 -4.58 -25.75
CA VAL A 152 -16.31 -4.65 -26.01
C VAL A 152 -15.48 -3.61 -25.27
N ASN A 154 -11.87 -1.56 -24.42
CA ASN A 154 -10.62 -1.07 -24.99
C ASN A 154 -9.99 -0.04 -24.08
N GLY A 155 -8.71 -0.24 -23.80
CA GLY A 155 -7.99 0.63 -22.89
C GLY A 155 -6.67 0.00 -22.47
N THR A 156 -5.89 0.74 -21.71
CA THR A 156 -4.59 0.31 -21.24
C THR A 156 -4.41 0.72 -19.79
N LYS A 157 -4.15 -0.25 -18.93
CA LYS A 157 -3.97 0.04 -17.54
C LYS A 157 -2.51 -0.11 -17.18
N PHE A 159 0.77 0.11 -14.18
CA PHE A 159 1.14 -0.18 -12.79
C PHE A 159 0.15 -1.13 -12.12
N VAL A 160 -0.20 -2.21 -12.81
CA VAL A 160 -1.16 -3.18 -12.29
C VAL A 160 -0.44 -4.20 -11.45
N ASN A 161 -0.54 -4.07 -10.13
CA ASN A 161 0.10 -5.04 -9.24
C ASN A 161 -0.34 -6.44 -9.56
N ASN A 162 0.65 -7.30 -9.76
CA ASN A 162 0.43 -8.70 -10.18
C ASN A 162 -0.44 -8.83 -11.43
N GLY A 163 -0.38 -7.82 -12.30
CA GLY A 163 -1.16 -7.84 -13.51
C GLY A 163 -0.86 -9.01 -14.41
N GLU A 164 0.40 -9.45 -14.38
CA GLU A 164 0.89 -10.48 -15.29
C GLU A 164 0.29 -11.86 -15.05
N TYR A 165 -0.01 -12.18 -13.80
CA TYR A 165 -0.43 -13.54 -13.48
C TYR A 165 -1.76 -13.64 -12.74
N ALA A 166 -2.29 -12.52 -12.27
CA ALA A 166 -3.58 -12.55 -11.58
C ALA A 166 -4.65 -13.21 -12.44
N PRO A 167 -5.47 -14.08 -11.83
CA PRO A 167 -6.56 -14.80 -12.48
C PRO A 167 -7.61 -13.88 -13.07
N ALA A 168 -7.77 -12.69 -12.49
CA ALA A 168 -8.80 -11.78 -12.95
C ALA A 168 -8.39 -10.33 -12.71
N LEU A 169 -8.95 -9.44 -13.52
CA LEU A 169 -8.60 -8.02 -13.47
C LEU A 169 -9.83 -7.19 -13.13
N LEU A 170 -9.76 -6.49 -12.00
CA LEU A 170 -10.81 -5.57 -11.63
C LEU A 170 -10.54 -4.22 -12.30
N VAL A 171 -11.29 -3.93 -13.34
CA VAL A 171 -10.97 -2.83 -14.25
C VAL A 171 -11.96 -1.69 -14.19
N SER A 172 -11.42 -0.48 -14.05
CA SER A 172 -12.20 0.74 -14.08
C SER A 172 -12.35 1.21 -15.52
N ALA A 173 -13.57 1.57 -15.91
CA ALA A 173 -13.86 1.92 -17.30
C ALA A 173 -15.06 2.85 -17.45
N TYR A 174 -15.03 3.68 -18.49
CA TYR A 174 -16.23 4.40 -18.92
C TYR A 174 -17.13 3.42 -19.66
N ASP A 175 -18.34 3.22 -19.13
CA ASP A 175 -19.33 2.42 -19.82
C ASP A 175 -20.13 3.33 -20.75
N LYS A 176 -20.17 2.97 -22.03
CA LYS A 176 -20.88 3.75 -23.04
C LYS A 176 -22.05 2.98 -23.65
N THR A 177 -22.35 1.81 -23.08
CA THR A 177 -23.38 0.94 -23.64
C THR A 177 -24.79 1.41 -23.30
N GLY A 178 -24.88 2.40 -22.40
CA GLY A 178 -26.15 3.03 -22.13
C GLY A 178 -26.49 4.01 -23.23
N ASP A 179 -27.78 4.29 -23.41
CA ASP A 179 -28.21 5.22 -24.43
C ASP A 179 -27.92 6.67 -23.99
N ASP A 180 -26.96 7.29 -24.69
CA ASP A 180 -26.45 8.62 -24.34
C ASP A 180 -25.86 8.63 -22.92
N PRO A 183 -21.78 7.71 -21.16
CA PRO A 183 -20.42 7.62 -20.62
C PRO A 183 -20.38 7.72 -19.08
N GLU A 184 -20.36 6.59 -18.39
CA GLU A 184 -20.37 6.62 -16.93
C GLU A 184 -19.29 5.72 -16.31
N PHE A 185 -18.87 6.07 -15.09
CA PHE A 185 -17.92 5.27 -14.36
C PHE A 185 -18.44 3.86 -14.09
N SER A 186 -17.56 2.87 -14.20
CA SER A 186 -17.95 1.48 -14.01
C SER A 186 -16.77 0.60 -13.69
N PHE A 187 -17.03 -0.47 -12.94
CA PHE A 187 -16.01 -1.47 -12.63
C PHE A 187 -16.40 -2.80 -13.24
N TRP A 188 -15.41 -3.54 -13.74
CA TRP A 188 -15.63 -4.83 -14.38
C TRP A 188 -14.64 -5.87 -13.88
N VAL A 190 -12.89 -8.79 -14.89
CA VAL A 190 -12.63 -9.49 -16.13
C VAL A 190 -11.69 -10.66 -15.96
N PRO A 191 -12.13 -11.87 -16.35
CA PRO A 191 -11.27 -13.06 -16.35
C PRO A 191 -10.05 -12.84 -17.22
N ARG A 192 -8.87 -13.24 -16.75
CA ARG A 192 -7.62 -13.02 -17.48
C ARG A 192 -7.60 -13.87 -18.75
N SER A 193 -8.52 -14.83 -18.83
CA SER A 193 -8.59 -15.76 -19.94
C SER A 193 -9.39 -15.22 -21.13
N ALA A 194 -10.11 -14.13 -20.94
CA ALA A 194 -10.78 -13.43 -22.03
C ALA A 194 -9.76 -13.03 -23.09
N ALA A 195 -10.05 -13.34 -24.35
CA ALA A 195 -9.13 -13.03 -25.44
C ALA A 195 -8.92 -11.53 -25.55
N GLY A 196 -7.72 -11.12 -25.94
CA GLY A 196 -7.42 -9.71 -26.13
C GLY A 196 -6.77 -9.01 -24.97
N ILE A 197 -6.42 -9.77 -23.93
CA ILE A 197 -5.72 -9.17 -22.77
C ILE A 197 -4.23 -9.42 -22.86
N TYR A 198 -3.43 -8.36 -22.85
CA TYR A 198 -1.98 -8.49 -22.97
C TYR A 198 -1.26 -7.87 -21.77
N ALA A 199 -0.45 -8.68 -21.09
CA ALA A 199 0.28 -8.13 -19.95
C ALA A 199 1.76 -7.97 -20.24
N TYR A 200 2.30 -6.82 -19.85
CA TYR A 200 3.70 -6.54 -20.05
C TYR A 200 4.34 -6.20 -18.70
N PRO A 201 5.10 -7.15 -18.15
CA PRO A 201 5.77 -7.00 -16.86
C PRO A 201 6.72 -5.81 -16.87
N GLU A 202 6.70 -5.00 -15.82
CA GLU A 202 7.62 -3.88 -15.69
C GLU A 202 8.54 -4.10 -14.49
N GLN A 203 9.81 -4.38 -14.74
CA GLN A 203 10.74 -4.56 -13.61
C GLN A 203 11.19 -3.21 -13.01
N LYS A 204 10.85 -2.96 -11.76
CA LYS A 204 11.25 -1.73 -11.11
C LYS A 204 12.53 -1.91 -10.33
N ILE A 205 13.20 -0.82 -9.98
CA ILE A 205 14.49 -0.92 -9.29
C ILE A 205 14.31 -1.27 -7.81
N GLY A 206 13.07 -1.13 -7.31
CA GLY A 206 12.77 -1.48 -5.95
C GLY A 206 11.39 -2.09 -5.81
N GLN A 207 11.04 -2.49 -4.59
CA GLN A 207 9.75 -3.12 -4.29
C GLN A 207 9.52 -4.38 -5.10
N SER A 208 10.51 -5.26 -5.07
CA SER A 208 10.54 -6.50 -5.84
C SER A 208 9.32 -7.41 -5.61
N LEU A 210 6.35 -6.66 -5.17
CA LEU A 210 5.10 -6.12 -5.63
C LEU A 210 5.25 -5.89 -7.13
N PRO A 211 5.38 -6.98 -7.88
CA PRO A 211 5.57 -6.87 -9.33
C PRO A 211 4.36 -6.32 -10.03
N PHE A 212 4.56 -5.31 -10.87
CA PHE A 212 3.51 -4.63 -11.60
C PHE A 212 3.55 -4.97 -13.09
N ALA A 213 2.48 -4.65 -13.82
CA ALA A 213 2.47 -4.81 -15.26
C ALA A 213 1.64 -3.74 -15.91
N THR A 214 1.94 -3.45 -17.17
CA THR A 214 1.03 -2.73 -18.05
C THR A 214 0.12 -3.76 -18.69
N VAL A 215 -1.18 -3.50 -18.68
CA VAL A 215 -2.12 -4.43 -19.27
C VAL A 215 -2.96 -3.73 -20.34
N ARG A 216 -2.91 -4.25 -21.56
CA ARG A 216 -3.69 -3.70 -22.64
C ARG A 216 -4.91 -4.57 -22.88
N PHE A 217 -6.06 -3.92 -23.02
CA PHE A 217 -7.29 -4.59 -23.42
C PHE A 217 -7.59 -4.23 -24.88
N ASP A 218 -7.47 -5.22 -25.75
CA ASP A 218 -7.68 -5.03 -27.19
C ASP A 218 -8.98 -5.74 -27.61
N ASN A 219 -10.05 -4.96 -27.79
CA ASN A 219 -11.39 -5.47 -28.06
C ASN A 219 -11.76 -6.69 -27.25
N VAL A 220 -11.81 -6.57 -25.93
CA VAL A 220 -12.13 -7.71 -25.10
C VAL A 220 -13.63 -7.81 -24.85
N GLU A 221 -14.21 -8.96 -25.18
CA GLU A 221 -15.62 -9.20 -24.94
C GLU A 221 -15.90 -9.33 -23.46
N VAL A 222 -16.74 -8.45 -22.94
CA VAL A 222 -17.08 -8.52 -21.53
C VAL A 222 -18.56 -8.84 -21.36
N LYS A 223 -18.88 -9.73 -20.44
CA LYS A 223 -20.27 -10.08 -20.18
C LYS A 223 -20.89 -9.11 -19.19
N GLU A 224 -22.22 -8.96 -19.25
CA GLU A 224 -22.91 -8.03 -18.35
C GLU A 224 -22.77 -8.44 -16.89
N SER A 225 -22.73 -9.75 -16.65
CA SER A 225 -22.61 -10.29 -15.29
C SER A 225 -21.28 -9.94 -14.63
N TRP A 226 -20.33 -9.44 -15.40
CA TRP A 226 -19.01 -9.09 -14.88
C TRP A 226 -19.00 -7.70 -14.27
N ARG A 227 -19.94 -6.84 -14.65
CA ARG A 227 -19.97 -5.47 -14.12
C ARG A 227 -20.31 -5.47 -12.64
N LEU A 228 -19.58 -4.68 -11.87
CA LEU A 228 -19.82 -4.59 -10.44
C LEU A 228 -21.08 -3.78 -10.19
N LYS A 229 -22.01 -4.37 -9.44
CA LYS A 229 -23.26 -3.72 -9.08
C LYS A 229 -23.27 -3.46 -7.58
N GLY A 230 -22.78 -2.30 -7.17
CA GLY A 230 -22.57 -2.04 -5.75
C GLY A 230 -23.26 -0.81 -5.20
N SER A 231 -23.11 -0.62 -3.89
CA SER A 231 -23.65 0.55 -3.20
C SER A 231 -22.93 1.82 -3.66
N SER A 232 -21.60 1.74 -3.70
CA SER A 232 -20.78 2.89 -4.08
C SER A 232 -20.73 3.12 -5.60
N LYS A 233 -20.62 4.38 -5.99
CA LYS A 233 -20.65 4.74 -7.40
C LYS A 233 -19.78 5.96 -7.71
N GLY A 234 -19.12 5.90 -8.87
CA GLY A 234 -18.46 7.07 -9.44
C GLY A 234 -17.05 7.25 -8.96
N PHE A 235 -16.32 8.14 -9.64
CA PHE A 235 -14.93 8.42 -9.31
C PHE A 235 -14.82 8.91 -7.87
N SER A 236 -15.79 9.73 -7.48
CA SER A 236 -15.85 10.29 -6.13
C SER A 236 -15.59 9.22 -5.08
N GLN A 237 -16.31 8.12 -5.18
CA GLN A 237 -16.15 7.03 -4.25
C GLN A 237 -14.78 6.35 -4.35
N LEU A 238 -14.32 6.15 -5.59
CA LEU A 238 -13.03 5.53 -5.82
C LEU A 238 -11.92 6.40 -5.23
N TYR A 239 -12.02 7.68 -5.52
CA TYR A 239 -11.03 8.64 -5.07
C TYR A 239 -10.87 8.65 -3.54
N SER A 240 -11.99 8.60 -2.82
CA SER A 240 -11.94 8.45 -1.37
C SER A 240 -11.18 7.21 -0.97
N LEU A 241 -11.48 6.08 -1.62
CA LEU A 241 -10.83 4.84 -1.26
C LEU A 241 -9.31 4.89 -1.47
N LEU A 242 -8.87 5.55 -2.53
CA LEU A 242 -7.46 5.66 -2.83
C LEU A 242 -6.70 6.50 -1.78
N GLU A 243 -7.40 7.34 -1.03
CA GLU A 243 -6.74 8.03 0.07
C GLU A 243 -6.26 7.04 1.15
N TYR A 244 -7.08 6.03 1.46
CA TYR A 244 -6.60 4.98 2.34
C TYR A 244 -5.30 4.40 1.81
N GLY A 245 -5.19 4.24 0.50
CA GLY A 245 -3.98 3.70 -0.09
C GLY A 245 -2.77 4.56 0.21
N ARG A 246 -2.97 5.87 0.32
CA ARG A 246 -1.90 6.79 0.67
C ARG A 246 -1.48 6.60 2.12
N VAL A 247 -2.44 6.38 3.01
CA VAL A 247 -2.10 6.15 4.41
C VAL A 247 -1.27 4.87 4.54
N PHE A 248 -1.73 3.80 3.89
CA PHE A 248 -1.01 2.54 3.85
C PHE A 248 0.41 2.70 3.34
N THR A 249 0.56 3.42 2.25
CA THR A 249 1.86 3.59 1.64
C THR A 249 2.80 4.38 2.54
N CYS A 250 2.25 5.37 3.23
CA CYS A 250 3.07 6.16 4.14
C CYS A 250 3.45 5.36 5.38
N ALA A 251 2.54 4.54 5.89
CA ALA A 251 2.87 3.65 6.99
C ALA A 251 3.99 2.66 6.59
N ALA A 252 3.96 2.18 5.35
CA ALA A 252 5.03 1.32 4.87
C ALA A 252 6.35 2.08 4.79
N ALA A 253 6.28 3.32 4.32
CA ALA A 253 7.50 4.12 4.18
C ALA A 253 8.14 4.36 5.55
N LEU A 254 7.29 4.66 6.52
CA LEU A 254 7.72 4.93 7.88
C LEU A 254 8.39 3.68 8.49
N GLY A 255 7.74 2.55 8.31
CA GLY A 255 8.26 1.30 8.80
C GLY A 255 9.61 0.99 8.21
N GLU A 256 9.73 1.08 6.90
CA GLU A 256 11.00 0.73 6.27
C GLU A 256 12.09 1.71 6.71
N ALA A 257 11.74 3.00 6.72
CA ALA A 257 12.66 4.04 7.16
C ALA A 257 13.13 3.75 8.58
N GLN A 258 12.21 3.29 9.41
CA GLN A 258 12.54 2.98 10.79
C GLN A 258 13.56 1.83 10.85
N ALA A 259 13.47 0.89 9.90
CA ALA A 259 14.37 -0.26 9.86
C ALA A 259 15.78 0.18 9.49
N ALA A 260 15.86 1.10 8.55
CA ALA A 260 17.13 1.71 8.15
C ALA A 260 17.79 2.45 9.31
N GLU A 262 17.35 1.84 12.61
CA GLU A 262 17.89 0.81 13.49
C GLU A 262 19.25 0.27 13.03
N ASP A 263 19.42 0.02 11.74
CA ASP A 263 20.72 -0.48 11.24
C ASP A 263 21.82 0.58 11.43
N ALA A 264 21.50 1.83 11.11
CA ALA A 264 22.42 2.94 11.30
C ALA A 264 22.87 3.03 12.75
N VAL A 265 21.91 3.01 13.67
CA VAL A 265 22.21 3.08 15.09
C VAL A 265 23.06 1.88 15.53
N ALA A 266 22.68 0.68 15.10
CA ALA A 266 23.44 -0.49 15.51
C ALA A 266 24.87 -0.44 14.99
N TRP A 267 25.03 0.06 13.76
CA TRP A 267 26.36 0.22 13.19
C TRP A 267 27.14 1.25 13.98
N ALA A 268 26.49 2.37 14.26
CA ALA A 268 27.14 3.50 14.91
C ALA A 268 27.71 3.11 16.26
N ARG A 269 26.91 2.46 17.12
CA ARG A 269 27.42 2.06 18.43
C ARG A 269 28.42 0.92 18.31
N GLY A 270 28.05 -0.12 17.57
CA GLY A 270 28.92 -1.25 17.39
C GLY A 270 30.27 -0.85 16.83
N ARG A 271 30.26 -0.25 15.65
CA ARG A 271 31.50 0.00 14.94
C ARG A 271 32.23 1.24 15.46
N GLU A 272 33.48 1.37 15.03
CA GLU A 272 34.42 2.35 15.58
C GLU A 272 35.28 2.92 14.46
N ALA A 273 35.39 4.25 14.40
CA ALA A 273 36.17 4.92 13.37
C ALA A 273 36.40 6.40 13.72
N GLN A 276 35.79 7.22 20.16
CA GLN A 276 36.37 6.18 19.32
C GLN A 276 35.27 5.58 18.41
N ARG A 277 34.16 5.19 19.02
CA ARG A 277 33.01 4.67 18.26
C ARG A 277 32.51 5.69 17.23
N ILE A 278 31.94 5.20 16.12
CA ILE A 278 31.47 6.06 15.04
C ILE A 278 30.31 6.98 15.47
N ALA A 279 29.62 6.62 16.54
CA ALA A 279 28.50 7.41 17.06
C ALA A 279 28.93 8.62 17.91
N ASP A 280 30.22 8.70 18.22
CA ASP A 280 30.72 9.84 18.99
C ASP A 280 31.23 10.90 18.02
N LEU A 281 30.94 10.70 16.74
CA LEU A 281 31.34 11.64 15.68
C LEU A 281 30.26 12.67 15.46
N GLN A 282 30.64 13.94 15.53
CA GLN A 282 29.70 15.06 15.39
C GLN A 282 28.82 14.92 14.14
N GLN A 283 29.43 14.53 13.02
CA GLN A 283 28.70 14.32 11.76
C GLN A 283 27.63 13.27 11.93
N VAL A 284 28.00 12.14 12.52
CA VAL A 284 27.03 11.07 12.76
C VAL A 284 25.96 11.49 13.80
N GLN A 285 26.35 12.22 14.84
CA GLN A 285 25.39 12.65 15.84
C GLN A 285 24.33 13.51 15.20
N LYS A 287 23.46 13.65 11.97
CA LYS A 287 22.66 12.84 11.04
C LYS A 287 21.60 12.04 11.82
N LEU A 288 22.02 11.45 12.92
CA LEU A 288 21.13 10.71 13.81
C LEU A 288 19.95 11.53 14.33
N THR A 289 20.21 12.69 14.89
CA THR A 289 19.12 13.53 15.36
C THR A 289 18.24 14.00 14.21
N GLU A 290 18.85 14.33 13.09
CA GLU A 290 18.11 14.74 11.90
C GLU A 290 17.14 13.63 11.47
N GLU A 292 16.00 11.07 13.42
CA GLU A 292 14.97 10.83 14.41
C GLU A 292 13.89 11.92 14.35
N VAL A 293 14.27 13.15 13.98
CA VAL A 293 13.28 14.21 13.82
C VAL A 293 12.34 13.88 12.66
N LYS A 294 12.91 13.42 11.55
CA LYS A 294 12.08 13.07 10.41
C LYS A 294 11.16 11.89 10.75
N LEU A 295 11.67 10.88 11.47
CA LEU A 295 10.84 9.74 11.83
C LEU A 295 9.71 10.19 12.74
N THR A 296 10.02 11.08 13.68
CA THR A 296 9.02 11.62 14.59
C THR A 296 7.90 12.31 13.81
N ASN A 297 8.28 13.15 12.86
CA ASN A 297 7.33 13.87 12.04
C ASN A 297 6.47 12.93 11.17
N ARG A 299 5.71 9.84 11.69
CA ARG A 299 4.84 9.01 12.52
C ARG A 299 3.66 9.84 12.99
N ASN A 300 3.94 11.06 13.42
CA ASN A 300 2.91 12.00 13.77
C ASN A 300 1.91 12.27 12.63
N LEU A 301 2.38 12.36 11.40
CA LEU A 301 1.48 12.66 10.29
C LEU A 301 0.68 11.43 9.94
N VAL A 302 1.33 10.27 9.92
CA VAL A 302 0.64 9.04 9.55
C VAL A 302 -0.39 8.67 10.63
N TYR A 303 0.05 8.60 11.89
CA TYR A 303 -0.87 8.29 12.99
C TYR A 303 -2.00 9.30 13.11
N GLY A 304 -1.72 10.56 12.84
CA GLY A 304 -2.74 11.59 12.99
C GLY A 304 -3.82 11.41 11.92
N ALA A 305 -3.40 11.22 10.67
CA ALA A 305 -4.35 11.03 9.58
C ALA A 305 -5.19 9.80 9.86
N ALA A 306 -4.55 8.73 10.34
CA ALA A 306 -5.27 7.50 10.60
C ALA A 306 -6.27 7.65 11.74
N ARG A 307 -5.87 8.33 12.81
CA ARG A 307 -6.77 8.47 13.95
C ARG A 307 -7.96 9.37 13.60
N GLU A 308 -7.76 10.34 12.72
CA GLU A 308 -8.86 11.16 12.20
C GLU A 308 -9.97 10.32 11.57
N TYR A 309 -9.60 9.39 10.71
CA TYR A 309 -10.59 8.52 10.11
C TYR A 309 -11.39 7.81 11.18
N ASP A 310 -10.70 7.28 12.16
CA ASP A 310 -11.36 6.43 13.14
C ASP A 310 -12.29 7.25 14.02
N ARG A 311 -12.03 8.55 14.14
CA ARG A 311 -12.94 9.47 14.81
C ARG A 311 -14.12 9.89 13.94
N GLY A 312 -14.05 9.61 12.64
CA GLY A 312 -15.06 10.12 11.71
C GLY A 312 -14.87 11.58 11.36
N GLU A 313 -13.63 12.06 11.42
CA GLU A 313 -13.29 13.46 11.21
C GLU A 313 -12.18 13.61 10.18
N HIS A 314 -12.10 12.65 9.26
CA HIS A 314 -11.15 12.73 8.17
C HIS A 314 -11.22 14.05 7.44
N LYS A 315 -10.06 14.65 7.21
CA LYS A 315 -9.93 15.80 6.33
C LYS A 315 -8.99 15.42 5.20
N ARG A 316 -9.37 15.74 3.97
CA ARG A 316 -8.53 15.48 2.80
C ARG A 316 -7.11 16.06 2.96
N LEU A 317 -7.02 17.23 3.57
CA LEU A 317 -5.76 17.95 3.68
C LEU A 317 -4.74 17.21 4.52
N SER A 318 -5.20 16.55 5.58
CA SER A 318 -4.30 15.76 6.42
C SER A 318 -3.58 14.70 5.58
N VAL A 319 -4.34 13.98 4.76
CA VAL A 319 -3.79 12.91 3.93
C VAL A 319 -2.88 13.48 2.85
N ALA A 320 -3.22 14.64 2.32
CA ALA A 320 -2.38 15.27 1.32
C ALA A 320 -1.04 15.74 1.91
N LEU A 321 -1.07 16.30 3.12
CA LEU A 321 0.16 16.82 3.73
C LEU A 321 1.08 15.66 4.13
N LYS A 323 1.11 12.65 2.67
CA LYS A 323 1.69 12.04 1.47
C LYS A 323 2.78 12.91 0.87
N TYR A 324 2.68 14.22 1.06
CA TYR A 324 3.67 15.13 0.51
C TYR A 324 4.99 14.97 1.23
N TYR A 325 4.92 14.73 2.53
CA TYR A 325 6.10 14.82 3.34
C TYR A 325 6.82 13.47 3.48
N VAL A 326 6.07 12.40 3.68
CA VAL A 326 6.64 11.19 4.26
C VAL A 326 7.53 10.37 3.32
N PRO A 327 7.10 10.08 2.09
CA PRO A 327 7.99 9.27 1.26
C PRO A 327 9.33 9.96 1.00
N LYS A 328 9.32 11.27 0.77
CA LYS A 328 10.60 11.94 0.53
C LYS A 328 11.44 11.91 1.82
N ALA A 329 10.80 12.17 2.95
CA ALA A 329 11.49 12.11 4.24
C ALA A 329 12.04 10.70 4.46
N ALA A 330 11.24 9.69 4.13
CA ALA A 330 11.68 8.33 4.31
C ALA A 330 12.94 8.03 3.47
N THR A 331 12.96 8.55 2.24
CA THR A 331 14.08 8.31 1.34
C THR A 331 15.35 8.97 1.90
N GLU A 332 15.20 10.14 2.50
CA GLU A 332 16.34 10.87 3.05
C GLU A 332 16.93 10.13 4.27
N VAL A 333 16.05 9.61 5.13
CA VAL A 333 16.50 8.80 6.25
C VAL A 333 17.27 7.57 5.77
N ALA A 334 16.69 6.83 4.83
CA ALA A 334 17.36 5.65 4.32
C ALA A 334 18.73 6.01 3.70
N SER A 335 18.77 7.09 2.95
CA SER A 335 20.01 7.56 2.35
C SER A 335 21.08 7.93 3.39
N ASP A 336 20.66 8.65 4.44
CA ASP A 336 21.53 8.98 5.57
C ASP A 336 22.03 7.74 6.28
N ALA A 337 21.16 6.75 6.40
CA ALA A 337 21.57 5.46 6.96
C ALA A 337 22.66 4.82 6.09
N GLN A 339 24.78 6.37 4.26
CA GLN A 339 26.00 7.15 4.39
C GLN A 339 26.74 6.79 5.67
N ILE A 340 25.99 6.54 6.74
CA ILE A 340 26.57 6.11 7.99
C ILE A 340 27.21 4.73 7.91
N LEU A 341 26.59 3.78 7.19
CA LEU A 341 27.17 2.43 7.08
C LEU A 341 28.40 2.42 6.17
N GLY A 342 28.59 3.49 5.41
CA GLY A 342 29.80 3.67 4.61
C GLY A 342 29.72 2.91 3.31
N GLY A 343 30.88 2.59 2.73
CA GLY A 343 30.98 1.94 1.43
C GLY A 343 30.17 0.67 1.30
N ARG A 344 30.34 -0.26 2.24
CA ARG A 344 29.46 -1.42 2.29
C ARG A 344 28.08 -0.92 2.66
N GLY A 345 27.04 -1.51 2.12
CA GLY A 345 25.75 -0.86 2.29
C GLY A 345 25.38 0.06 1.13
N TYR A 346 26.29 0.15 0.16
CA TYR A 346 25.93 0.46 -1.22
C TYR A 346 25.95 -0.88 -1.96
N ILE A 347 26.10 -1.94 -1.15
CA ILE A 347 26.14 -3.31 -1.63
C ILE A 347 24.70 -3.86 -1.61
N GLN A 348 24.36 -4.63 -2.63
CA GLN A 348 22.99 -5.12 -2.81
C GLN A 348 22.54 -5.98 -1.64
N GLU A 349 23.50 -6.64 -1.00
CA GLU A 349 23.26 -7.50 0.14
C GLU A 349 22.61 -6.73 1.30
N ASN A 350 23.13 -5.53 1.57
CA ASN A 350 22.62 -4.70 2.66
C ASN A 350 21.18 -4.21 2.47
N ARG A 351 20.35 -4.40 3.47
CA ARG A 351 18.95 -4.09 3.30
C ARG A 351 18.72 -2.59 3.24
N VAL A 352 19.63 -1.79 3.79
CA VAL A 352 19.47 -0.34 3.75
C VAL A 352 19.41 0.19 2.31
N SER A 353 20.19 -0.38 1.41
CA SER A 353 20.13 0.02 0.00
C SER A 353 18.83 -0.41 -0.71
N SER A 354 18.22 -1.52 -0.29
CA SER A 354 16.89 -1.87 -0.79
C SER A 354 15.86 -0.92 -0.25
N ILE A 355 15.97 -0.63 1.05
CA ILE A 355 15.04 0.28 1.69
C ILE A 355 15.04 1.62 0.98
N TRP A 356 16.23 2.12 0.68
CA TRP A 356 16.39 3.40 0.02
C TRP A 356 15.67 3.39 -1.32
N GLN A 357 15.86 2.32 -2.06
CA GLN A 357 15.18 2.15 -3.33
C GLN A 357 13.67 2.04 -3.19
N ASP A 358 13.20 1.24 -2.22
CA ASP A 358 11.78 1.14 -1.91
C ASP A 358 11.20 2.53 -1.65
N CYS A 359 11.84 3.25 -0.74
CA CYS A 359 11.27 4.53 -0.32
C CYS A 359 11.20 5.54 -1.47
N ARG A 360 12.19 5.51 -2.36
CA ARG A 360 12.16 6.37 -3.53
C ARG A 360 10.93 6.09 -4.36
N GLY A 361 10.51 4.83 -4.40
CA GLY A 361 9.33 4.41 -5.14
C GLY A 361 8.02 4.92 -4.54
N TYR A 362 7.99 5.03 -3.23
CA TYR A 362 6.84 5.62 -2.57
C TYR A 362 6.55 7.07 -3.01
N GLN A 363 7.55 7.76 -3.56
CA GLN A 363 7.31 9.11 -4.06
C GLN A 363 6.47 9.13 -5.33
N PHE A 364 6.30 7.97 -5.97
CA PHE A 364 5.40 7.81 -7.14
C PHE A 364 4.08 7.13 -6.84
N ALA A 365 4.08 6.29 -5.84
CA ALA A 365 2.91 5.47 -5.54
C ALA A 365 1.80 6.33 -4.97
N ASP A 366 0.58 6.06 -5.42
CA ASP A 366 -0.60 6.66 -4.84
C ASP A 366 -0.52 8.16 -4.93
N GLY A 367 -0.06 8.67 -6.06
CA GLY A 367 -0.06 10.10 -6.27
C GLY A 367 1.25 10.70 -5.87
N THR A 368 1.81 11.52 -6.77
CA THR A 368 3.09 12.14 -6.54
C THR A 368 3.03 13.37 -5.64
N ASP A 369 4.21 13.87 -5.29
CA ASP A 369 4.34 15.08 -4.49
C ASP A 369 3.61 16.22 -5.21
N GLU A 370 3.84 16.31 -6.51
CA GLU A 370 3.31 17.37 -7.35
C GLU A 370 1.78 17.33 -7.39
N VAL A 371 1.22 16.12 -7.35
CA VAL A 371 -0.23 15.96 -7.29
C VAL A 371 -0.77 16.37 -5.89
N VAL A 373 0.48 18.74 -3.98
CA VAL A 373 0.43 20.21 -4.01
C VAL A 373 -0.85 20.74 -4.64
N VAL A 374 -1.26 20.13 -5.75
CA VAL A 374 -2.45 20.56 -6.47
C VAL A 374 -3.73 20.28 -5.65
N ILE A 375 -3.75 19.19 -4.92
CA ILE A 375 -4.85 18.83 -4.03
C ILE A 375 -4.89 19.70 -2.78
N ALA A 376 -3.73 20.02 -2.23
CA ALA A 376 -3.64 20.64 -0.91
C ALA A 376 -3.85 22.15 -0.90
N ALA A 377 -3.37 22.85 -1.93
CA ALA A 377 -3.37 24.31 -1.88
C ALA A 377 -4.79 24.90 -1.77
N PRO A 378 -5.77 24.39 -2.55
CA PRO A 378 -7.11 24.95 -2.34
C PRO A 378 -7.71 24.62 -0.97
N LEU A 379 -7.41 23.44 -0.43
CA LEU A 379 -7.87 23.08 0.90
C LEU A 379 -7.25 23.97 1.98
N ILE A 380 -6.02 24.40 1.74
CA ILE A 380 -5.33 25.31 2.64
C ILE A 380 -6.01 26.70 2.61
N LEU A 381 -6.30 27.20 1.40
CA LEU A 381 -7.02 28.45 1.22
C LEU A 381 -8.35 28.40 1.92
N GLU A 382 -9.07 27.31 1.66
CA GLU A 382 -10.35 27.04 2.30
C GLU A 382 -10.19 27.05 3.83
N GLN A 383 -9.12 26.46 4.32
CA GLN A 383 -8.96 26.32 5.77
C GLN A 383 -8.72 27.67 6.45
N TYR A 384 -8.01 28.56 5.76
CA TYR A 384 -7.71 29.86 6.34
C TYR A 384 -8.79 30.89 6.09
N LYS A 385 -9.63 30.64 5.10
CA LYS A 385 -10.84 31.45 4.93
C LYS A 385 -11.83 31.10 6.04
N ALA A 386 -12.01 29.79 6.25
CA ALA A 386 -12.97 29.22 7.21
C ALA A 386 -12.73 29.64 8.66
N SER A 387 -11.47 29.61 9.11
CA SER A 387 -11.10 30.29 10.36
C SER A 387 -11.06 31.78 10.03
#